data_5MJE
#
_entry.id   5MJE
#
_cell.length_a   57.290
_cell.length_b   36.570
_cell.length_c   60.800
_cell.angle_alpha   90.000
_cell.angle_beta   104.050
_cell.angle_gamma   90.000
#
_symmetry.space_group_name_H-M   'P 1 21 1'
#
loop_
_entity.id
_entity.type
_entity.pdbx_description
1 polymer 'Cytotoxic translational repressor of toxin-antitoxin stability system'
2 polymer 'Nanobody 8'
3 non-polymer DI(HYDROXYETHYL)ETHER
4 non-polymer 'SULFATE ION'
5 water water
#
loop_
_entity_poly.entity_id
_entity_poly.type
_entity_poly.pdbx_seq_one_letter_code
_entity_poly.pdbx_strand_id
1 'polypeptide(L)'
;GSSHHHHHHSSGLVPRGSHMKSVFVESTIFEKYRDEYLSDEEYRLFQAELMLNPKLGDVIQGTGGLRKIRVASKGKGKRG
GSRIIYYFLDEKRRFYLLTIYGKNEMSDLNANQRKQLMAFMEAWRNEQS
;
A
2 'polypeptide(L)'
;AQVQLQESGGGLVQPGGSLRLSCVVSGDRRTIYTMGWFRQAPGNQGELVATMTSSGVTTYVDSVKGRFSISRDSAEDSAK
NTVSLQMNSLKPEDTAFYTCYEESRRPLGSRNTYWGQGTQVTVSSHHHHHH
;
B
#
loop_
_chem_comp.id
_chem_comp.type
_chem_comp.name
_chem_comp.formula
PEG non-polymer DI(HYDROXYETHYL)ETHER 'C4 H10 O3'
SO4 non-polymer 'SULFATE ION' 'O4 S -2'
#
# COMPACT_ATOMS: atom_id res chain seq x y z
N GLY A 12 20.99 -6.48 -9.44
CA GLY A 12 21.14 -5.61 -8.29
C GLY A 12 20.21 -6.01 -7.16
N LEU A 13 20.46 -5.49 -5.96
CA LEU A 13 19.65 -5.88 -4.82
C LEU A 13 18.23 -5.35 -4.93
N VAL A 14 18.08 -4.04 -5.09
CA VAL A 14 16.76 -3.43 -5.01
C VAL A 14 15.97 -3.76 -6.27
N PRO A 15 14.69 -4.13 -6.15
CA PRO A 15 13.94 -4.55 -7.33
C PRO A 15 13.57 -3.39 -8.26
N ARG A 16 13.36 -3.74 -9.53
CA ARG A 16 13.20 -2.74 -10.58
C ARG A 16 11.85 -2.02 -10.43
N GLY A 17 11.91 -0.72 -10.24
CA GLY A 17 10.70 0.06 -10.15
C GLY A 17 10.91 1.31 -9.30
N SER A 18 9.87 1.76 -8.66
CA SER A 18 9.88 2.99 -7.96
C SER A 18 9.74 2.73 -6.50
N HIS A 19 10.48 3.45 -5.71
CA HIS A 19 10.53 3.23 -4.27
C HIS A 19 10.46 4.60 -3.60
N MET A 20 9.28 5.20 -3.67
CA MET A 20 9.03 6.45 -2.98
C MET A 20 7.77 6.29 -2.15
N LYS A 21 7.72 7.02 -1.05
CA LYS A 21 6.49 7.23 -0.33
C LYS A 21 5.35 7.53 -1.30
N SER A 22 4.27 6.78 -1.18
CA SER A 22 3.14 6.96 -2.07
C SER A 22 1.85 6.87 -1.26
N VAL A 23 0.77 7.37 -1.85
CA VAL A 23 -0.52 7.42 -1.16
C VAL A 23 -1.58 6.83 -2.07
N PHE A 24 -2.43 6.00 -1.50
CA PHE A 24 -3.61 5.49 -2.17
C PHE A 24 -4.83 6.13 -1.53
N VAL A 25 -5.74 6.61 -2.36
CA VAL A 25 -6.89 7.38 -1.92
C VAL A 25 -8.13 6.68 -2.47
N GLU A 26 -8.90 6.06 -1.59
CA GLU A 26 -10.15 5.44 -2.00
C GLU A 26 -11.20 6.52 -2.28
N SER A 27 -11.97 6.30 -3.33
CA SER A 27 -13.14 7.12 -3.54
C SER A 27 -14.29 6.62 -2.67
N THR A 28 -15.35 7.40 -2.61
CA THR A 28 -16.54 6.96 -1.90
C THR A 28 -16.99 5.58 -2.41
N ILE A 29 -16.99 5.40 -3.74
CA ILE A 29 -17.42 4.14 -4.34
C ILE A 29 -16.49 3.01 -3.94
N PHE A 30 -15.20 3.16 -4.25
CA PHE A 30 -14.21 2.12 -3.98
C PHE A 30 -14.20 1.71 -2.52
N GLU A 31 -14.37 2.68 -1.62
CA GLU A 31 -14.38 2.37 -0.19
C GLU A 31 -15.63 1.58 0.18
N LYS A 32 -16.79 1.96 -0.35
CA LYS A 32 -17.98 1.17 -0.07
C LYS A 32 -17.82 -0.28 -0.52
N TYR A 33 -17.25 -0.50 -1.71
CA TYR A 33 -17.33 -1.82 -2.32
C TYR A 33 -16.02 -2.61 -2.28
N ARG A 34 -14.98 -2.11 -1.61
CA ARG A 34 -13.67 -2.75 -1.68
C ARG A 34 -13.70 -4.14 -1.03
N ASP A 35 -14.13 -4.20 0.22
CA ASP A 35 -14.11 -5.45 0.96
C ASP A 35 -15.15 -6.43 0.47
N GLU A 36 -16.08 -5.99 -0.37
CA GLU A 36 -16.91 -6.96 -1.07
C GLU A 36 -16.15 -7.72 -2.15
N TYR A 37 -14.87 -7.38 -2.36
CA TYR A 37 -14.15 -7.93 -3.49
C TYR A 37 -12.81 -8.51 -3.07
N LEU A 38 -12.06 -7.79 -2.24
CA LEU A 38 -10.65 -8.09 -1.99
C LEU A 38 -10.38 -8.40 -0.53
N SER A 39 -9.74 -9.54 -0.28
CA SER A 39 -9.12 -9.74 1.02
C SER A 39 -7.98 -8.75 1.19
N ASP A 40 -7.69 -8.41 2.45
CA ASP A 40 -6.64 -7.45 2.75
C ASP A 40 -5.31 -7.85 2.13
N GLU A 41 -5.04 -9.15 2.02
CA GLU A 41 -3.84 -9.57 1.33
C GLU A 41 -3.88 -9.14 -0.13
N GLU A 42 -4.99 -9.41 -0.82
CA GLU A 42 -5.15 -8.98 -2.21
C GLU A 42 -5.00 -7.47 -2.35
N TYR A 43 -5.56 -6.72 -1.41
CA TYR A 43 -5.51 -5.27 -1.52
C TYR A 43 -4.09 -4.76 -1.35
N ARG A 44 -3.36 -5.26 -0.35
CA ARG A 44 -1.97 -4.83 -0.14
C ARG A 44 -1.08 -5.28 -1.29
N LEU A 45 -1.29 -6.47 -1.82
CA LEU A 45 -0.52 -6.88 -2.99
C LEU A 45 -0.77 -5.92 -4.14
N PHE A 46 -2.03 -5.49 -4.32
CA PHE A 46 -2.35 -4.55 -5.39
C PHE A 46 -1.60 -3.22 -5.21
N GLN A 47 -1.69 -2.63 -4.02
CA GLN A 47 -1.02 -1.35 -3.80
C GLN A 47 0.48 -1.49 -3.97
N ALA A 48 1.04 -2.61 -3.51
CA ALA A 48 2.46 -2.85 -3.73
C ALA A 48 2.80 -2.82 -5.20
N GLU A 49 2.01 -3.53 -6.01
CA GLU A 49 2.26 -3.58 -7.45
C GLU A 49 2.27 -2.17 -8.05
N LEU A 50 1.24 -1.38 -7.73
CA LEU A 50 1.20 -0.02 -8.28
C LEU A 50 2.34 0.84 -7.77
N MET A 51 2.73 0.66 -6.52
CA MET A 51 3.77 1.48 -5.94
C MET A 51 5.10 1.23 -6.65
N LEU A 52 5.40 -0.03 -6.95
CA LEU A 52 6.57 -0.30 -7.79
C LEU A 52 6.41 0.34 -9.15
N ASN A 53 5.24 0.17 -9.77
CA ASN A 53 5.05 0.59 -11.17
C ASN A 53 3.68 1.22 -11.36
N PRO A 54 3.58 2.53 -11.18
CA PRO A 54 2.46 3.25 -11.81
C PRO A 54 2.72 3.25 -13.30
N LYS A 55 1.63 3.28 -14.07
CA LYS A 55 1.60 3.03 -15.51
C LYS A 55 1.44 1.53 -15.75
N LEU A 56 1.23 0.77 -14.68
CA LEU A 56 1.01 -0.66 -14.82
C LEU A 56 -0.37 -0.98 -15.37
N GLY A 57 -1.34 -0.11 -15.14
CA GLY A 57 -2.68 -0.34 -15.66
C GLY A 57 -2.80 0.08 -17.11
N ASP A 58 -3.71 -0.60 -17.82
CA ASP A 58 -3.91 -0.30 -19.23
C ASP A 58 -4.72 1.00 -19.36
N VAL A 59 -4.25 1.89 -20.23
CA VAL A 59 -4.91 3.19 -20.39
C VAL A 59 -6.29 3.01 -21.00
N ILE A 60 -7.20 3.90 -20.64
CA ILE A 60 -8.48 4.05 -21.34
C ILE A 60 -8.54 5.48 -21.86
N GLN A 61 -8.86 5.64 -23.15
CA GLN A 61 -8.82 6.96 -23.76
C GLN A 61 -10.15 7.67 -23.64
N GLY A 62 -10.14 8.98 -23.88
CA GLY A 62 -11.29 9.80 -23.55
C GLY A 62 -11.49 10.04 -22.07
N THR A 63 -10.62 9.47 -21.23
CA THR A 63 -10.76 9.58 -19.80
C THR A 63 -9.77 10.56 -19.18
N GLY A 64 -8.66 10.85 -19.85
CA GLY A 64 -7.65 11.72 -19.28
C GLY A 64 -6.64 11.01 -18.42
N GLY A 65 -6.32 9.75 -18.74
CA GLY A 65 -5.28 9.04 -18.03
C GLY A 65 -5.76 8.03 -17.00
N LEU A 66 -7.00 7.57 -17.07
CA LEU A 66 -7.44 6.50 -16.18
C LEU A 66 -6.93 5.16 -16.68
N ARG A 67 -6.67 4.24 -15.74
CA ARG A 67 -6.08 2.95 -16.05
C ARG A 67 -6.87 1.82 -15.37
N LYS A 68 -6.85 0.67 -16.05
CA LYS A 68 -7.54 -0.53 -15.61
C LYS A 68 -6.52 -1.64 -15.34
N ILE A 69 -6.52 -2.17 -14.11
CA ILE A 69 -5.71 -3.33 -13.74
C ILE A 69 -6.64 -4.50 -13.48
N ARG A 70 -6.23 -5.68 -13.92
CA ARG A 70 -7.00 -6.91 -13.75
C ARG A 70 -6.17 -7.91 -12.94
N VAL A 71 -6.18 -7.77 -11.61
CA VAL A 71 -5.61 -8.76 -10.71
C VAL A 71 -6.52 -8.85 -9.49
N ALA A 72 -6.96 -10.06 -9.16
CA ALA A 72 -7.89 -10.27 -8.06
C ALA A 72 -7.18 -10.78 -6.81
N GLY A 80 -9.26 -15.61 -10.93
CA GLY A 80 -9.92 -14.38 -10.56
C GLY A 80 -10.16 -13.43 -11.73
N GLY A 81 -10.94 -12.37 -11.50
CA GLY A 81 -11.25 -11.44 -12.57
C GLY A 81 -11.49 -10.01 -12.14
N SER A 82 -11.24 -9.70 -10.86
CA SER A 82 -11.44 -8.35 -10.36
C SER A 82 -10.63 -7.34 -11.17
N ARG A 83 -11.25 -6.19 -11.43
CA ARG A 83 -10.59 -5.09 -12.13
C ARG A 83 -10.76 -3.80 -11.33
N ILE A 84 -9.66 -3.08 -11.12
CA ILE A 84 -9.67 -1.78 -10.47
C ILE A 84 -9.38 -0.71 -11.52
N ILE A 85 -9.97 0.46 -11.35
CA ILE A 85 -9.74 1.61 -12.22
C ILE A 85 -9.18 2.74 -11.36
N TYR A 86 -8.06 3.33 -11.79
CA TYR A 86 -7.35 4.28 -10.96
C TYR A 86 -6.77 5.41 -11.80
N TYR A 87 -6.42 6.49 -11.13
CA TYR A 87 -5.68 7.59 -11.74
C TYR A 87 -4.51 7.95 -10.84
N PHE A 88 -3.29 7.85 -11.37
CA PHE A 88 -2.10 8.27 -10.65
C PHE A 88 -1.82 9.75 -10.91
N LEU A 89 -1.61 10.49 -9.82
CA LEU A 89 -1.35 11.93 -9.85
C LEU A 89 0.15 12.16 -9.93
N ASP A 90 0.60 12.82 -11.02
CA ASP A 90 2.03 12.89 -11.31
C ASP A 90 2.79 13.60 -10.19
N GLU A 91 2.34 14.80 -9.81
CA GLU A 91 3.11 15.64 -8.89
C GLU A 91 2.98 15.16 -7.44
N LYS A 92 1.76 14.90 -6.97
CA LYS A 92 1.54 14.63 -5.55
C LYS A 92 1.74 13.16 -5.18
N ARG A 93 1.95 12.29 -6.17
CA ARG A 93 2.29 10.89 -5.94
C ARG A 93 1.17 10.15 -5.19
N ARG A 94 -0.05 10.59 -5.40
CA ARG A 94 -1.26 9.94 -4.89
C ARG A 94 -1.92 9.16 -6.01
N PHE A 95 -2.40 7.97 -5.69
CA PHE A 95 -3.33 7.25 -6.56
C PHE A 95 -4.77 7.51 -6.10
N TYR A 96 -5.66 7.76 -7.07
CA TYR A 96 -7.10 7.80 -6.81
C TYR A 96 -7.69 6.48 -7.28
N LEU A 97 -8.14 5.66 -6.34
CA LEU A 97 -8.78 4.39 -6.64
C LEU A 97 -10.26 4.69 -6.88
N LEU A 98 -10.65 4.77 -8.16
CA LEU A 98 -11.98 5.26 -8.53
C LEU A 98 -13.08 4.26 -8.23
N THR A 99 -12.95 3.03 -8.76
CA THR A 99 -13.90 1.97 -8.45
C THR A 99 -13.29 0.62 -8.79
N ILE A 100 -13.92 -0.42 -8.25
CA ILE A 100 -13.55 -1.81 -8.49
C ILE A 100 -14.79 -2.55 -8.95
N TYR A 101 -14.69 -3.28 -10.05
CA TYR A 101 -15.80 -4.09 -10.49
C TYR A 101 -15.32 -5.45 -10.87
N GLY A 102 -16.18 -6.43 -10.78
CA GLY A 102 -15.83 -7.80 -11.02
C GLY A 102 -15.76 -8.14 -12.47
N LYS A 103 -15.16 -9.27 -12.78
CA LYS A 103 -14.94 -9.60 -14.17
C LYS A 103 -16.20 -9.78 -14.99
N ASN A 104 -17.13 -10.55 -14.46
CA ASN A 104 -18.33 -10.92 -15.18
C ASN A 104 -19.18 -9.71 -15.46
N GLU A 105 -19.16 -8.80 -14.51
CA GLU A 105 -20.10 -7.71 -14.42
C GLU A 105 -19.69 -6.70 -15.43
N MET A 106 -20.24 -5.50 -15.36
CA MET A 106 -20.25 -4.64 -16.51
C MET A 106 -18.84 -4.39 -16.87
N SER A 107 -18.51 -4.86 -18.06
CA SER A 107 -17.22 -4.77 -18.70
C SER A 107 -17.40 -4.07 -20.02
N ASP A 108 -18.48 -3.34 -20.15
CA ASP A 108 -18.82 -2.73 -21.39
C ASP A 108 -18.53 -1.27 -21.21
N LEU A 109 -17.64 -0.76 -22.04
CA LEU A 109 -17.19 0.59 -21.84
C LEU A 109 -17.74 1.48 -22.90
N ASN A 110 -18.52 2.45 -22.47
CA ASN A 110 -19.15 3.37 -23.40
C ASN A 110 -18.89 4.82 -23.00
N ALA A 111 -19.40 5.74 -23.83
CA ALA A 111 -19.00 7.14 -23.75
C ALA A 111 -19.57 7.83 -22.51
N ASN A 112 -20.82 7.56 -22.15
CA ASN A 112 -21.37 8.12 -20.92
C ASN A 112 -20.50 7.74 -19.73
N GLN A 113 -20.03 6.49 -19.71
CA GLN A 113 -19.14 6.01 -18.66
C GLN A 113 -17.81 6.77 -18.66
N ARG A 114 -17.11 6.78 -19.81
CA ARG A 114 -15.80 7.43 -19.87
C ARG A 114 -15.88 8.91 -19.49
N LYS A 115 -16.98 9.57 -19.88
CA LYS A 115 -17.14 10.99 -19.58
C LYS A 115 -17.39 11.23 -18.09
N GLN A 116 -18.26 10.43 -17.48
CA GLN A 116 -18.55 10.65 -16.06
C GLN A 116 -17.37 10.24 -15.18
N LEU A 117 -16.67 9.18 -15.57
CA LEU A 117 -15.41 8.83 -14.92
C LEU A 117 -14.42 9.98 -14.99
N MET A 118 -14.30 10.60 -16.17
CA MET A 118 -13.41 11.75 -16.30
C MET A 118 -13.86 12.89 -15.40
N ALA A 119 -15.18 13.06 -15.23
CA ALA A 119 -15.67 14.16 -14.39
C ALA A 119 -15.32 13.93 -12.93
N PHE A 120 -15.63 12.76 -12.38
CA PHE A 120 -15.33 12.52 -10.98
C PHE A 120 -13.83 12.49 -10.73
N MET A 121 -13.08 11.94 -11.70
CA MET A 121 -11.62 11.98 -11.62
C MET A 121 -11.12 13.42 -11.52
N GLU A 122 -11.63 14.31 -12.38
CA GLU A 122 -11.22 15.72 -12.31
C GLU A 122 -11.70 16.36 -11.02
N ALA A 123 -12.83 15.86 -10.48
CA ALA A 123 -13.34 16.36 -9.21
C ALA A 123 -12.33 16.13 -8.09
N TRP A 124 -11.80 14.91 -7.96
CA TRP A 124 -10.72 14.76 -7.00
C TRP A 124 -9.53 15.61 -7.44
N ARG A 125 -9.11 15.48 -8.70
CA ARG A 125 -7.87 16.07 -9.18
C ARG A 125 -7.71 17.51 -8.72
N ASN A 126 -8.77 18.32 -8.83
CA ASN A 126 -8.63 19.73 -8.48
C ASN A 126 -8.88 20.04 -7.00
N GLU A 127 -8.82 19.02 -6.12
CA GLU A 127 -9.02 19.25 -4.70
C GLU A 127 -7.73 19.70 -4.03
N GLN A 128 -6.58 19.22 -4.50
CA GLN A 128 -5.27 19.72 -4.10
C GLN A 128 -4.58 20.25 -5.35
N SER A 129 -4.79 21.55 -5.62
CA SER A 129 -4.56 22.22 -6.91
C SER A 129 -3.98 21.34 -8.00
N GLN B 2 -0.50 18.01 6.04
CA GLN B 2 -0.87 16.65 5.65
C GLN B 2 -0.32 15.62 6.64
N VAL B 3 -0.35 14.35 6.24
CA VAL B 3 0.15 13.24 7.04
C VAL B 3 1.60 12.99 6.68
N GLN B 4 2.46 12.87 7.70
CA GLN B 4 3.88 12.64 7.52
C GLN B 4 4.21 11.18 7.79
N LEU B 5 5.01 10.58 6.91
CA LEU B 5 5.56 9.24 7.12
C LEU B 5 7.07 9.31 6.92
N GLN B 6 7.82 8.99 7.97
CA GLN B 6 9.26 8.83 7.86
C GLN B 6 9.65 7.50 8.47
N GLU B 7 10.41 6.69 7.73
CA GLU B 7 10.78 5.37 8.21
C GLU B 7 12.28 5.26 8.40
N SER B 8 12.68 4.20 9.11
CA SER B 8 14.04 3.97 9.62
C SER B 8 14.36 2.49 9.62
N GLY B 9 15.63 2.17 9.78
CA GLY B 9 16.12 0.81 9.84
C GLY B 9 16.47 0.24 8.48
N GLY B 10 17.20 -0.85 8.50
CA GLY B 10 17.53 -1.58 7.29
C GLY B 10 19.02 -1.69 7.08
N GLY B 11 19.38 -2.59 6.17
CA GLY B 11 20.78 -2.76 5.85
C GLY B 11 21.24 -4.21 5.82
N LEU B 12 21.83 -4.26 6.34
CA LEU B 12 22.57 -5.41 5.87
C LEU B 12 23.05 -6.24 7.05
N VAL B 13 22.87 -7.69 7.48
CA VAL B 13 22.79 -8.43 8.74
C VAL B 13 23.35 -9.82 8.50
N GLN B 14 23.98 -10.38 9.56
CA GLN B 14 24.42 -11.77 9.58
C GLN B 14 23.23 -12.68 9.84
N PRO B 15 23.18 -13.85 9.20
CA PRO B 15 22.22 -14.89 9.61
C PRO B 15 22.11 -15.05 11.11
N GLY B 16 20.92 -15.39 11.60
CA GLY B 16 20.67 -15.45 13.03
C GLY B 16 20.70 -14.13 13.75
N GLY B 17 21.08 -13.04 13.07
CA GLY B 17 21.05 -11.72 13.69
C GLY B 17 19.69 -11.01 13.64
N SER B 18 19.61 -9.91 14.36
CA SER B 18 18.36 -9.19 14.59
C SER B 18 18.44 -7.80 13.98
N LEU B 19 17.33 -7.36 13.39
CA LEU B 19 17.20 -6.01 12.85
C LEU B 19 15.78 -5.50 13.07
N ARG B 20 15.68 -4.26 13.58
CA ARG B 20 14.41 -3.59 13.82
C ARG B 20 14.17 -2.55 12.72
N LEU B 21 13.19 -2.83 11.86
CA LEU B 21 12.64 -1.80 10.99
C LEU B 21 11.62 -0.98 11.78
N SER B 22 11.18 0.17 11.37
CA SER B 22 10.54 1.15 12.23
C SER B 22 9.80 2.12 11.34
N CYS B 23 8.95 2.80 11.51
CA CYS B 23 8.30 3.63 10.50
C CYS B 23 7.18 4.44 11.15
N VAL B 24 7.28 5.76 11.07
CA VAL B 24 6.50 6.70 11.88
C VAL B 24 5.49 7.45 11.01
N VAL B 25 4.30 7.63 11.55
CA VAL B 25 3.24 8.37 10.90
C VAL B 25 2.70 9.40 11.86
N SER B 26 2.85 10.65 11.44
CA SER B 26 2.46 11.80 12.23
C SER B 26 1.66 12.75 11.39
N GLY B 27 1.24 13.84 11.99
CA GLY B 27 0.42 14.80 11.30
C GLY B 27 -0.49 15.20 12.39
N ASP B 28 -1.73 15.52 12.09
CA ASP B 28 -2.72 15.55 13.15
C ASP B 28 -3.63 14.34 13.10
N ARG B 29 -4.68 14.40 13.89
CA ARG B 29 -5.48 13.29 14.34
C ARG B 29 -6.15 12.58 13.21
N ARG B 30 -6.33 11.28 13.34
CA ARG B 30 -6.97 10.47 12.33
C ARG B 30 -7.48 9.20 12.96
N THR B 31 -8.18 8.38 12.22
CA THR B 31 -8.62 7.10 12.74
C THR B 31 -7.86 6.05 12.04
N ILE B 32 -7.10 5.32 12.80
CA ILE B 32 -6.21 4.34 12.21
C ILE B 32 -6.92 3.00 12.17
N TYR B 33 -6.87 2.33 11.01
CA TYR B 33 -7.52 1.06 10.78
C TYR B 33 -6.56 -0.12 10.87
N THR B 34 -5.49 -0.08 10.08
CA THR B 34 -4.61 -1.22 9.92
C THR B 34 -3.24 -0.71 9.51
N MET B 35 -2.28 -1.81 9.50
CA MET B 35 -0.96 -1.28 9.29
C MET B 35 0.05 -2.37 9.12
N GLY B 36 1.03 -2.39 8.46
CA GLY B 36 1.71 -3.62 8.16
C GLY B 36 3.07 -3.38 7.57
N TRP B 37 3.62 -4.48 7.02
CA TRP B 37 4.88 -4.47 6.29
C TRP B 37 4.73 -5.43 5.14
N PHE B 38 5.38 -5.07 4.02
CA PHE B 38 5.44 -5.79 2.75
C PHE B 38 6.89 -6.02 2.37
N ARG B 39 7.20 -7.15 1.72
CA ARG B 39 8.58 -7.38 1.28
C ARG B 39 8.61 -8.04 -0.09
N GLN B 40 9.64 -7.68 -0.85
CA GLN B 40 9.80 -8.14 -2.23
C GLN B 40 11.27 -8.34 -2.52
N ALA B 41 11.62 -9.55 -2.83
CA ALA B 41 12.93 -9.93 -3.36
C ALA B 41 12.92 -9.81 -4.87
N PRO B 42 14.08 -9.61 -5.50
CA PRO B 42 14.10 -9.49 -6.95
C PRO B 42 13.57 -10.74 -7.62
N GLY B 43 13.03 -10.55 -8.82
CA GLY B 43 12.69 -11.65 -9.69
C GLY B 43 11.37 -12.33 -9.43
N ASN B 44 10.82 -12.20 -8.23
CA ASN B 44 9.58 -12.88 -7.90
C ASN B 44 8.58 -11.93 -7.26
N GLN B 45 7.34 -12.41 -7.20
CA GLN B 45 6.26 -11.67 -6.58
C GLN B 45 6.53 -11.45 -5.10
N GLY B 46 6.20 -10.26 -4.63
CA GLY B 46 6.36 -9.94 -3.22
C GLY B 46 5.33 -10.63 -2.35
N GLU B 47 5.45 -10.38 -1.06
CA GLU B 47 4.57 -11.00 -0.09
C GLU B 47 4.41 -10.07 1.09
N LEU B 48 3.17 -10.01 1.60
CA LEU B 48 2.83 -9.20 2.76
C LEU B 48 3.46 -9.86 3.99
N VAL B 49 4.24 -9.10 4.74
CA VAL B 49 5.01 -9.69 5.82
C VAL B 49 4.21 -9.73 7.10
N ALA B 50 3.55 -8.63 7.45
CA ALA B 50 2.81 -8.65 8.71
C ALA B 50 1.77 -7.55 8.72
N THR B 51 0.75 -7.73 9.56
CA THR B 51 -0.40 -6.86 9.54
C THR B 51 -0.85 -6.68 10.98
N MET B 52 -1.44 -5.53 11.28
CA MET B 52 -1.99 -5.29 12.61
C MET B 52 -3.12 -4.28 12.52
N THR B 53 -4.33 -4.74 12.83
CA THR B 53 -5.50 -3.90 13.04
C THR B 53 -5.24 -2.94 14.20
N SER B 54 -6.03 -1.86 14.22
CA SER B 54 -6.09 -0.96 15.36
C SER B 54 -6.64 -1.63 16.62
N SER B 55 -7.08 -2.88 16.54
CA SER B 55 -7.49 -3.64 17.71
C SER B 55 -6.39 -4.55 18.21
N GLY B 56 -5.25 -4.59 17.53
CA GLY B 56 -4.17 -5.45 17.87
C GLY B 56 -4.09 -6.71 17.05
N VAL B 57 -5.18 -7.09 16.37
CA VAL B 57 -5.18 -8.33 15.61
C VAL B 57 -4.06 -8.32 14.60
N THR B 58 -3.20 -9.33 14.66
CA THR B 58 -2.06 -9.45 13.78
C THR B 58 -2.17 -10.68 12.90
N THR B 59 -1.67 -10.54 11.69
CA THR B 59 -1.32 -11.68 10.85
C THR B 59 0.16 -11.60 10.55
N TYR B 60 0.76 -12.77 10.32
CA TYR B 60 2.15 -12.91 9.90
C TYR B 60 2.19 -13.99 8.83
N VAL B 61 3.12 -13.84 7.88
CA VAL B 61 3.23 -14.86 6.86
C VAL B 61 3.93 -16.09 7.44
N ASP B 62 3.71 -17.23 6.80
CA ASP B 62 4.11 -18.50 7.41
C ASP B 62 5.62 -18.63 7.55
N SER B 63 6.40 -18.06 6.61
CA SER B 63 7.85 -18.22 6.60
C SER B 63 8.52 -17.43 7.71
N VAL B 64 7.82 -16.46 8.30
CA VAL B 64 8.40 -15.59 9.31
C VAL B 64 7.79 -15.84 10.67
N LYS B 65 7.00 -16.90 10.82
CA LYS B 65 6.26 -17.13 12.05
C LYS B 65 7.23 -17.49 13.17
N GLY B 66 7.15 -16.76 14.27
CA GLY B 66 8.04 -16.90 15.39
C GLY B 66 9.20 -15.93 15.40
N ARG B 67 9.65 -15.47 14.24
CA ARG B 67 10.90 -14.73 14.12
C ARG B 67 10.71 -13.23 13.97
N PHE B 68 9.71 -12.82 13.18
CA PHE B 68 9.33 -11.43 13.07
C PHE B 68 8.12 -11.16 13.98
N SER B 69 7.87 -10.29 14.52
CA SER B 69 6.98 -9.65 15.43
C SER B 69 6.56 -8.23 14.98
N ILE B 70 5.36 -7.73 14.74
CA ILE B 70 4.96 -6.34 14.52
C ILE B 70 4.47 -5.76 15.84
N SER B 71 4.93 -4.57 16.15
CA SER B 71 4.45 -3.86 17.33
C SER B 71 4.17 -2.42 16.93
N ARG B 72 3.73 -1.63 17.91
CA ARG B 72 3.07 -0.37 17.63
C ARG B 72 3.20 0.54 18.85
N ASP B 73 3.10 1.85 18.60
CA ASP B 73 3.24 2.89 19.61
C ASP B 73 2.31 4.03 19.21
N SER B 74 1.34 4.34 20.07
CA SER B 74 0.27 5.28 19.73
C SER B 74 0.63 6.73 20.00
N ALA B 75 1.55 6.99 20.91
CA ALA B 75 1.89 8.34 21.27
C ALA B 75 0.66 9.06 21.77
N GLU B 76 0.08 8.47 22.82
CA GLU B 76 -1.20 8.86 23.41
C GLU B 76 -2.36 8.70 22.45
N ASP B 77 -2.12 8.39 21.20
CA ASP B 77 -3.22 8.43 20.25
C ASP B 77 -3.70 9.83 19.92
N SER B 78 -3.15 10.80 20.61
CA SER B 78 -2.91 12.10 20.08
C SER B 78 -1.72 11.84 19.15
N ALA B 79 -1.47 12.74 18.22
CA ALA B 79 -0.26 12.64 17.42
C ALA B 79 -0.05 11.41 16.50
N LYS B 80 1.07 10.71 16.70
CA LYS B 80 1.66 9.73 15.82
C LYS B 80 1.57 8.30 16.28
N ASN B 81 1.62 7.40 15.34
CA ASN B 81 1.93 6.06 15.65
C ASN B 81 3.16 5.64 14.91
N THR B 82 4.08 5.12 15.68
CA THR B 82 5.23 4.39 15.15
C THR B 82 4.88 2.92 15.06
N VAL B 83 5.17 2.30 13.93
CA VAL B 83 5.03 0.87 13.74
C VAL B 83 6.44 0.30 13.65
N SER B 84 6.69 -0.77 14.40
CA SER B 84 7.99 -1.44 14.37
C SER B 84 7.80 -2.83 13.81
N LEU B 85 8.65 -3.21 12.87
CA LEU B 85 8.87 -4.61 12.54
C LEU B 85 10.13 -5.04 13.27
N GLN B 86 10.01 -6.01 14.16
CA GLN B 86 11.16 -6.63 14.79
C GLN B 86 11.44 -7.93 14.07
N MET B 87 12.64 -8.06 13.53
CA MET B 87 13.05 -9.27 12.84
C MET B 87 14.18 -9.91 13.64
N ASN B 88 13.99 -11.18 14.01
CA ASN B 88 14.99 -11.95 14.75
C ASN B 88 15.32 -13.23 13.99
N SER B 89 16.39 -13.89 14.42
CA SER B 89 16.84 -15.14 13.80
C SER B 89 16.77 -15.05 12.28
N LEU B 90 17.28 -13.94 11.74
CA LEU B 90 17.13 -13.63 10.33
C LEU B 90 17.72 -14.74 9.47
N LYS B 91 16.92 -15.28 8.57
CA LYS B 91 17.39 -16.21 7.55
C LYS B 91 17.70 -15.44 6.28
N PRO B 92 18.50 -16.01 5.37
CA PRO B 92 18.79 -15.27 4.12
C PRO B 92 17.58 -15.12 3.21
N GLU B 93 16.60 -16.00 3.32
CA GLU B 93 15.35 -15.82 2.58
C GLU B 93 14.64 -14.52 2.93
N ASP B 94 15.00 -13.90 4.05
CA ASP B 94 14.42 -12.62 4.44
C ASP B 94 15.05 -11.44 3.74
N THR B 95 16.01 -11.67 2.85
CA THR B 95 16.61 -10.59 2.08
C THR B 95 15.58 -10.05 1.08
N ALA B 96 15.30 -8.74 1.16
CA ALA B 96 14.20 -8.16 0.40
C ALA B 96 14.14 -6.65 0.63
N PHE B 97 13.35 -5.97 -0.21
CA PHE B 97 13.03 -4.55 -0.01
C PHE B 97 11.74 -4.44 0.82
N TYR B 98 11.87 -3.86 2.00
CA TYR B 98 10.79 -3.82 2.99
C TYR B 98 10.15 -2.44 3.04
N THR B 99 8.83 -2.39 2.81
CA THR B 99 8.04 -1.16 2.93
C THR B 99 7.00 -1.34 4.03
N CYS B 100 6.62 -0.23 4.67
CA CYS B 100 5.51 -0.20 5.60
C CYS B 100 4.31 0.54 5.00
N TYR B 101 3.17 0.40 5.65
CA TYR B 101 1.95 1.10 5.25
C TYR B 101 1.05 1.29 6.46
N GLU B 102 0.05 2.15 6.29
CA GLU B 102 -0.90 2.46 7.36
C GLU B 102 -2.17 3.00 6.74
N GLU B 103 -3.29 2.32 6.94
CA GLU B 103 -4.59 2.88 6.57
C GLU B 103 -5.09 3.83 7.64
N SER B 104 -5.66 4.78 7.15
CA SER B 104 -6.06 5.64 8.20
C SER B 104 -7.12 6.59 7.73
N ARG B 105 -8.00 7.43 8.25
CA ARG B 105 -9.01 8.35 7.73
C ARG B 105 -9.05 9.56 8.63
N ARG B 106 -8.62 10.70 8.11
CA ARG B 106 -8.73 11.92 8.88
C ARG B 106 -10.21 12.27 9.06
N PRO B 107 -10.52 13.14 10.03
CA PRO B 107 -11.89 13.65 10.12
C PRO B 107 -12.34 14.17 8.76
N LEU B 108 -13.58 13.84 8.40
CA LEU B 108 -14.21 14.30 7.15
C LEU B 108 -13.33 14.05 5.92
N GLY B 109 -12.35 13.16 6.02
CA GLY B 109 -11.38 12.96 4.98
C GLY B 109 -11.38 11.56 4.38
N SER B 110 -10.39 11.35 3.54
CA SER B 110 -10.32 10.17 2.71
C SER B 110 -9.73 8.99 3.48
N ARG B 111 -10.20 7.80 3.13
CA ARG B 111 -9.61 6.55 3.62
C ARG B 111 -8.39 6.27 2.77
N ASN B 112 -7.21 6.56 3.31
CA ASN B 112 -5.96 6.40 2.57
C ASN B 112 -5.10 5.36 3.24
N THR B 113 -4.33 4.68 2.43
CA THR B 113 -3.27 3.91 2.94
C THR B 113 -1.94 4.55 2.54
N TYR B 114 -1.09 4.88 3.51
CA TYR B 114 0.20 5.52 3.27
C TYR B 114 1.29 4.48 3.24
N TRP B 115 2.26 4.70 2.35
CA TRP B 115 3.30 3.73 2.06
C TRP B 115 4.68 4.37 2.19
N GLY B 116 5.64 3.58 2.68
CA GLY B 116 6.98 4.08 2.88
C GLY B 116 7.84 4.06 1.62
N GLN B 117 8.95 4.79 1.71
CA GLN B 117 10.00 4.64 0.71
C GLN B 117 10.36 3.17 0.54
N GLY B 118 10.47 2.45 1.66
CA GLY B 118 11.06 1.14 1.66
C GLY B 118 12.53 1.19 2.06
N THR B 119 13.09 0.02 2.32
CA THR B 119 14.50 -0.08 2.65
C THR B 119 14.97 -1.50 2.43
N GLN B 120 16.13 -1.65 1.80
CA GLN B 120 16.70 -2.96 1.52
C GLN B 120 17.25 -3.61 2.78
N VAL B 121 17.00 -4.90 2.92
CA VAL B 121 17.49 -5.70 4.02
C VAL B 121 18.15 -6.93 3.42
N THR B 122 19.45 -7.06 3.64
CA THR B 122 20.25 -8.11 3.02
C THR B 122 20.82 -8.96 4.14
N VAL B 123 20.40 -10.21 4.18
CA VAL B 123 20.84 -11.20 5.16
C VAL B 123 21.76 -12.13 4.39
N SER B 124 23.07 -11.95 4.56
CA SER B 124 24.06 -12.70 3.81
C SER B 124 25.14 -13.17 4.77
N SER B 125 25.54 -14.43 4.61
CA SER B 125 26.51 -15.09 5.48
C SER B 125 27.83 -14.33 5.58
C1 PEG C . -9.68 -11.48 4.86
O1 PEG C . -9.98 -12.18 6.05
C2 PEG C . -8.37 -10.70 4.99
O2 PEG C . -7.27 -11.57 5.07
C3 PEG C . -6.38 -11.48 3.98
C4 PEG C . -6.15 -12.86 3.35
O4 PEG C . -7.32 -13.63 3.32
S SO4 D . -10.71 -6.72 -19.49
O1 SO4 D . -10.48 -8.02 -20.13
O2 SO4 D . -11.99 -6.16 -19.92
O3 SO4 D . -9.65 -5.80 -19.92
O4 SO4 D . -10.68 -6.87 -18.02
#